data_6S9U
#
_entry.id   6S9U
#
_cell.length_a   63.434
_cell.length_b   92.054
_cell.length_c   179.971
_cell.angle_alpha   90.000
_cell.angle_beta   90.000
_cell.angle_gamma   90.000
#
_symmetry.space_group_name_H-M   'C 2 2 21'
#
loop_
_entity.id
_entity.type
_entity.pdbx_description
1 polymer 'Putative sucrose phosphorylase'
2 non-polymer 'PHOSPHATE ION'
3 non-polymer 2-[3-(2-HYDROXY-1,1-DIHYDROXYMETHYL-ETHYLAMINO)-PROPYLAMINO]-2-HYDROXYMETHYL-PROPANE-1,3-DIOL
4 non-polymer 2-AMINO-2-HYDROXYMETHYL-PROPANE-1,3-DIOL
5 water water
#
_entity_poly.entity_id   1
_entity_poly.type   'polypeptide(L)'
_entity_poly.pdbx_seq_one_letter_code
;MTHAGMKASLPNRVMLNAYPDSIDGDLAGTVRMLQRPEFTDAFGLFYVLPSIFNSDLDRGFSIIDYDLNSDLASAEDLAA
LDELGIMLKFDMVLNHLSVGSPQFQDLLKHGDDSAFRDFFIDWNEFWEGEGELHADGHVVPSPEHLDRLFMRKPGLPILQ
VRFPDGSDRFYWNTFYQRVETIDGERSYLGQMDLNAESPRVWTFYRETFEKLARYGAKIVRLDAFAYLHKAVGDTNFFNT
PGTWDHLDRLRTISEENGLVLLPEIHGEYGTKIHEELSDRDYPVYDFFFPGLVIDAIDSASNTHLLRWIDEIIERDIATV
NMLGCHDGIPVIDLKGGPTGQGLLPDATIEAMISRLLERGGRVKNLYGADGTKVSYYQVNATFFSALGESDARLRLARAI
QLFVPGTPQVWYLDLFAGANDVEAADRAGADGHKEINRTNLSAADVEAGLARPIVLDQLEMIRLRNASPAFDGRFEVVPT
DDTRLQLRWQNGSTVALLDADLATERFTITHEHDGHTEILGYDLEHHHHHH
;
_entity_poly.pdbx_strand_id   A
#
# COMPACT_ATOMS: atom_id res chain seq x y z
N GLY A 5 5.70 21.93 7.24
CA GLY A 5 5.43 21.21 6.01
C GLY A 5 4.91 19.80 6.23
N MET A 6 4.23 19.25 5.22
CA MET A 6 3.60 17.94 5.41
C MET A 6 4.64 16.82 5.39
N LYS A 7 5.60 16.89 4.48
CA LYS A 7 6.68 15.90 4.47
C LYS A 7 7.37 15.85 5.82
N ALA A 8 7.67 17.02 6.39
CA ALA A 8 8.35 17.06 7.69
C ALA A 8 7.48 16.52 8.81
N SER A 9 6.16 16.49 8.63
CA SER A 9 5.25 15.99 9.65
C SER A 9 5.11 14.48 9.65
N LEU A 10 5.59 13.81 8.62
CA LEU A 10 5.56 12.35 8.58
C LEU A 10 6.35 11.82 9.77
N PRO A 11 5.71 11.12 10.71
CA PRO A 11 6.46 10.59 11.85
C PRO A 11 7.47 9.55 11.39
N ASN A 12 8.67 9.60 11.96
CA ASN A 12 9.76 8.73 11.56
C ASN A 12 9.84 7.46 12.42
N ARG A 13 8.70 6.97 12.89
CA ARG A 13 8.66 5.78 13.72
C ARG A 13 8.51 4.53 12.86
N VAL A 14 8.84 3.38 13.44
CA VAL A 14 8.59 2.12 12.74
C VAL A 14 7.09 1.86 12.76
N MET A 15 6.55 1.45 11.61
CA MET A 15 5.11 1.33 11.45
C MET A 15 4.72 -0.10 11.18
N LEU A 16 3.96 -0.68 12.09
CA LEU A 16 3.38 -2.00 11.85
C LEU A 16 2.26 -1.92 10.83
N ASN A 17 2.07 -3.00 10.10
CA ASN A 17 1.03 -3.06 9.08
C ASN A 17 0.38 -4.43 9.14
N ALA A 18 -0.94 -4.47 9.19
CA ALA A 18 -1.65 -5.73 9.24
C ALA A 18 -3.14 -5.48 9.04
N TYR A 19 -3.87 -6.59 8.80
CA TYR A 19 -5.31 -6.55 8.91
C TYR A 19 -5.69 -6.60 10.39
N PRO A 20 -6.86 -6.07 10.75
CA PRO A 20 -7.29 -6.15 12.16
C PRO A 20 -7.37 -7.60 12.66
N ASP A 21 -7.60 -8.57 11.77
CA ASP A 21 -7.69 -9.97 12.15
C ASP A 21 -6.44 -10.78 11.78
N SER A 22 -5.33 -10.10 11.48
CA SER A 22 -4.12 -10.82 11.13
C SER A 22 -3.58 -11.65 12.30
N ILE A 23 -3.81 -11.20 13.53
CA ILE A 23 -3.22 -11.82 14.71
C ILE A 23 -4.35 -12.22 15.66
N ASP A 24 -4.65 -13.51 15.73
CA ASP A 24 -5.57 -14.07 16.72
C ASP A 24 -6.98 -13.50 16.58
N GLY A 25 -7.46 -13.40 15.34
CA GLY A 25 -8.87 -13.23 15.07
C GLY A 25 -9.39 -11.80 15.05
N ASP A 26 -8.80 -10.90 15.82
CA ASP A 26 -9.31 -9.52 15.85
C ASP A 26 -8.22 -8.61 16.41
N LEU A 27 -8.51 -7.31 16.36
CA LEU A 27 -7.48 -6.32 16.69
C LEU A 27 -7.03 -6.45 18.13
N ALA A 28 -7.90 -6.91 19.02
CA ALA A 28 -7.47 -7.19 20.40
C ALA A 28 -6.32 -8.19 20.40
N GLY A 29 -6.31 -9.12 19.43
CA GLY A 29 -5.21 -10.07 19.35
C GLY A 29 -3.88 -9.41 19.05
N THR A 30 -3.87 -8.43 18.14
CA THR A 30 -2.64 -7.69 17.88
C THR A 30 -2.22 -6.87 19.10
N VAL A 31 -3.18 -6.27 19.80
CA VAL A 31 -2.85 -5.50 21.00
C VAL A 31 -2.15 -6.38 22.02
N ARG A 32 -2.73 -7.55 22.30
CA ARG A 32 -2.12 -8.46 23.27
C ARG A 32 -0.68 -8.78 22.89
N MET A 33 -0.45 -9.11 21.61
CA MET A 33 0.92 -9.33 21.15
C MET A 33 1.78 -8.10 21.39
N LEU A 34 1.27 -6.91 21.05
CA LEU A 34 2.05 -5.70 21.22
C LEU A 34 2.36 -5.42 22.69
N GLN A 35 1.62 -6.03 23.60
CA GLN A 35 1.87 -5.86 25.03
C GLN A 35 2.96 -6.78 25.55
N ARG A 36 3.44 -7.73 24.75
CA ARG A 36 4.53 -8.60 25.17
C ARG A 36 5.79 -7.77 25.42
N PRO A 37 6.70 -8.26 26.28
CA PRO A 37 7.96 -7.53 26.48
C PRO A 37 8.80 -7.41 25.22
N GLU A 38 8.80 -8.44 24.36
CA GLU A 38 9.60 -8.40 23.14
C GLU A 38 9.18 -7.24 22.23
N PHE A 39 7.95 -6.74 22.38
CA PHE A 39 7.43 -5.68 21.53
C PHE A 39 7.44 -4.31 22.19
N THR A 40 8.11 -4.16 23.33
CA THR A 40 8.11 -2.90 24.03
C THR A 40 8.77 -1.81 23.18
N ASP A 41 8.00 -0.76 22.89
CA ASP A 41 8.46 0.40 22.13
C ASP A 41 9.00 -0.01 20.77
N ALA A 42 8.45 -1.06 20.17
CA ALA A 42 8.89 -1.49 18.86
C ALA A 42 8.30 -0.63 17.76
N PHE A 43 7.02 -0.27 17.89
CA PHE A 43 6.31 0.47 16.84
C PHE A 43 5.72 1.74 17.42
N GLY A 44 5.88 2.84 16.70
CA GLY A 44 5.22 4.08 17.06
C GLY A 44 4.10 4.41 16.09
N LEU A 45 3.91 3.54 15.10
CA LEU A 45 2.89 3.71 14.08
C LEU A 45 2.27 2.35 13.77
N PHE A 46 1.01 2.36 13.34
CA PHE A 46 0.29 1.14 12.98
C PHE A 46 -0.69 1.47 11.86
N TYR A 47 -0.39 0.98 10.65
CA TYR A 47 -1.29 1.06 9.51
C TYR A 47 -2.21 -0.17 9.56
N VAL A 48 -3.45 0.05 9.99
CA VAL A 48 -4.45 -1.02 10.04
C VAL A 48 -5.24 -0.96 8.75
N LEU A 49 -5.31 -2.10 8.06
CA LEU A 49 -5.94 -2.16 6.75
C LEU A 49 -7.45 -2.00 6.89
N PRO A 50 -8.12 -1.59 5.79
CA PRO A 50 -9.47 -1.02 5.93
C PRO A 50 -10.56 -2.01 6.29
N SER A 51 -10.27 -3.30 6.43
CA SER A 51 -11.29 -4.20 7.00
C SER A 51 -11.54 -3.90 8.48
N ILE A 52 -10.81 -2.96 9.07
CA ILE A 52 -11.17 -2.46 10.39
C ILE A 52 -12.50 -1.71 10.33
N PHE A 53 -12.88 -1.22 9.17
CA PHE A 53 -14.17 -0.57 8.95
C PHE A 53 -15.19 -1.55 8.36
N ASN A 54 -16.46 -1.15 8.41
CA ASN A 54 -17.52 -1.96 7.82
C ASN A 54 -17.33 -2.04 6.30
N SER A 55 -17.25 -3.25 5.78
CA SER A 55 -16.85 -3.47 4.40
C SER A 55 -17.28 -4.87 3.98
N ASP A 56 -17.19 -5.13 2.67
CA ASP A 56 -17.50 -6.46 2.16
C ASP A 56 -16.37 -7.00 1.30
N LEU A 57 -16.32 -6.61 0.02
CA LEU A 57 -15.38 -7.21 -0.92
C LEU A 57 -13.95 -6.70 -0.70
N ASP A 58 -13.01 -7.34 -1.40
CA ASP A 58 -11.63 -6.85 -1.52
C ASP A 58 -11.00 -6.64 -0.14
N ARG A 59 -11.33 -7.54 0.78
CA ARG A 59 -10.86 -7.52 2.17
C ARG A 59 -10.67 -6.11 2.69
N GLY A 60 -11.75 -5.34 2.79
CA GLY A 60 -11.76 -4.05 3.44
C GLY A 60 -11.83 -2.89 2.49
N PHE A 61 -11.42 -3.05 1.24
CA PHE A 61 -11.38 -1.91 0.33
C PHE A 61 -12.70 -1.65 -0.37
N SER A 62 -13.72 -2.47 -0.12
CA SER A 62 -15.09 -2.14 -0.51
C SER A 62 -15.80 -1.67 0.75
N ILE A 63 -15.80 -0.35 0.96
CA ILE A 63 -16.22 0.27 2.20
C ILE A 63 -17.73 0.47 2.20
N ILE A 64 -18.38 0.03 3.27
CA ILE A 64 -19.78 0.39 3.54
C ILE A 64 -19.87 1.72 4.26
N ASP A 65 -19.16 1.84 5.39
CA ASP A 65 -19.01 3.10 6.10
C ASP A 65 -17.72 3.03 6.91
N TYR A 66 -17.37 4.15 7.56
CA TYR A 66 -16.13 4.25 8.30
C TYR A 66 -16.33 4.05 9.80
N ASP A 67 -17.45 3.50 10.21
CA ASP A 67 -17.54 2.96 11.56
C ASP A 67 -16.75 1.66 11.62
N LEU A 68 -16.38 1.27 12.83
CA LEU A 68 -15.54 0.09 13.02
C LEU A 68 -16.38 -1.18 12.87
N ASN A 69 -15.79 -2.18 12.23
CA ASN A 69 -16.40 -3.51 12.14
C ASN A 69 -16.24 -4.18 13.50
N SER A 70 -17.34 -4.24 14.26
CA SER A 70 -17.24 -4.68 15.65
C SER A 70 -16.77 -6.14 15.77
N ASP A 71 -16.93 -6.95 14.72
CA ASP A 71 -16.40 -8.30 14.78
C ASP A 71 -14.88 -8.29 14.90
N LEU A 72 -14.23 -7.27 14.34
CA LEU A 72 -12.79 -7.26 14.24
C LEU A 72 -12.10 -6.17 15.04
N ALA A 73 -12.78 -5.08 15.38
CA ALA A 73 -12.11 -3.97 16.04
C ALA A 73 -13.11 -3.17 16.84
N SER A 74 -12.59 -2.47 17.84
CA SER A 74 -13.37 -1.62 18.72
C SER A 74 -12.56 -0.41 19.13
N ALA A 75 -13.27 0.59 19.70
CA ALA A 75 -12.58 1.76 20.25
C ALA A 75 -11.68 1.37 21.41
N GLU A 76 -11.99 0.28 22.11
CA GLU A 76 -11.16 -0.16 23.22
C GLU A 76 -9.80 -0.65 22.73
N ASP A 77 -9.75 -1.27 21.54
CA ASP A 77 -8.47 -1.63 20.95
C ASP A 77 -7.65 -0.39 20.61
N LEU A 78 -8.31 0.65 20.07
CA LEU A 78 -7.59 1.86 19.71
C LEU A 78 -7.03 2.54 20.96
N ALA A 79 -7.82 2.60 22.03
CA ALA A 79 -7.32 3.15 23.28
C ALA A 79 -6.12 2.34 23.79
N ALA A 80 -6.18 1.02 23.67
CA ALA A 80 -5.06 0.19 24.11
C ALA A 80 -3.81 0.43 23.26
N LEU A 81 -3.98 0.70 21.96
CA LEU A 81 -2.84 1.02 21.12
C LEU A 81 -2.27 2.39 21.47
N ASP A 82 -3.13 3.35 21.76
CA ASP A 82 -2.66 4.66 22.19
C ASP A 82 -1.91 4.56 23.50
N GLU A 83 -2.40 3.72 24.42
CA GLU A 83 -1.70 3.49 25.68
C GLU A 83 -0.28 3.00 25.43
N LEU A 84 -0.09 2.17 24.41
CA LEU A 84 1.24 1.69 24.04
C LEU A 84 2.06 2.71 23.26
N GLY A 85 1.56 3.93 23.07
CA GLY A 85 2.29 4.94 22.34
C GLY A 85 2.27 4.77 20.84
N ILE A 86 1.23 4.16 20.30
CA ILE A 86 1.17 3.81 18.90
C ILE A 86 0.16 4.72 18.21
N MET A 87 0.65 5.52 17.26
CA MET A 87 -0.19 6.32 16.40
C MET A 87 -0.74 5.47 15.25
N LEU A 88 -1.86 5.93 14.70
CA LEU A 88 -2.61 5.15 13.73
C LEU A 88 -2.49 5.72 12.32
N LYS A 89 -2.48 4.81 11.35
CA LYS A 89 -2.60 5.15 9.94
C LYS A 89 -3.77 4.37 9.36
N PHE A 90 -4.70 5.09 8.71
CA PHE A 90 -5.85 4.47 8.09
C PHE A 90 -6.01 4.92 6.65
N ASP A 91 -6.78 4.15 5.89
CA ASP A 91 -7.17 4.54 4.55
C ASP A 91 -8.35 5.50 4.58
N MET A 92 -8.39 6.39 3.60
CA MET A 92 -9.63 6.88 3.05
C MET A 92 -9.69 6.31 1.63
N VAL A 93 -10.60 5.37 1.40
CA VAL A 93 -10.74 4.74 0.09
C VAL A 93 -11.59 5.68 -0.77
N LEU A 94 -11.00 6.81 -1.15
CA LEU A 94 -11.80 7.91 -1.69
C LEU A 94 -12.26 7.68 -3.11
N ASN A 95 -11.72 6.70 -3.81
CA ASN A 95 -12.14 6.50 -5.19
C ASN A 95 -13.48 5.77 -5.31
N HIS A 96 -13.92 5.06 -4.28
CA HIS A 96 -15.10 4.23 -4.47
C HIS A 96 -15.70 3.81 -3.14
N LEU A 97 -16.96 3.41 -3.20
CA LEU A 97 -17.68 2.86 -2.06
C LEU A 97 -18.35 1.57 -2.48
N SER A 98 -18.69 0.76 -1.48
CA SER A 98 -19.40 -0.48 -1.74
C SER A 98 -20.83 -0.21 -2.18
N VAL A 99 -21.33 -1.07 -3.08
CA VAL A 99 -22.76 -1.10 -3.39
C VAL A 99 -23.58 -1.11 -2.11
N GLY A 100 -23.08 -1.75 -1.06
CA GLY A 100 -23.79 -1.82 0.20
C GLY A 100 -23.67 -0.60 1.07
N SER A 101 -22.92 0.40 0.63
CA SER A 101 -22.83 1.65 1.37
C SER A 101 -24.20 2.33 1.42
N PRO A 102 -24.47 3.11 2.47
CA PRO A 102 -25.77 3.81 2.52
C PRO A 102 -26.01 4.72 1.33
N GLN A 103 -24.96 5.39 0.82
CA GLN A 103 -25.15 6.28 -0.31
C GLN A 103 -25.64 5.51 -1.53
N PHE A 104 -25.01 4.37 -1.84
CA PHE A 104 -25.38 3.65 -3.05
C PHE A 104 -26.71 2.92 -2.86
N GLN A 105 -26.96 2.40 -1.66
CA GLN A 105 -28.26 1.82 -1.36
C GLN A 105 -29.37 2.84 -1.53
N ASP A 106 -29.12 4.09 -1.13
CA ASP A 106 -30.12 5.13 -1.32
C ASP A 106 -30.32 5.41 -2.81
N LEU A 107 -29.24 5.34 -3.60
CA LEU A 107 -29.36 5.49 -5.04
C LEU A 107 -30.25 4.41 -5.63
N LEU A 108 -30.04 3.15 -5.22
CA LEU A 108 -30.84 2.05 -5.74
C LEU A 108 -32.28 2.10 -5.26
N LYS A 109 -32.52 2.75 -4.11
CA LYS A 109 -33.87 2.81 -3.55
C LYS A 109 -34.69 3.93 -4.16
N HIS A 110 -34.09 5.11 -4.35
CA HIS A 110 -34.80 6.27 -4.86
C HIS A 110 -34.38 6.68 -6.26
N GLY A 111 -33.34 6.06 -6.82
CA GLY A 111 -32.97 6.31 -8.20
C GLY A 111 -32.81 7.79 -8.50
N ASP A 112 -33.49 8.24 -9.56
CA ASP A 112 -33.34 9.61 -10.02
C ASP A 112 -33.77 10.63 -8.98
N ASP A 113 -34.55 10.23 -7.98
CA ASP A 113 -34.94 11.12 -6.90
C ASP A 113 -33.96 11.09 -5.72
N SER A 114 -32.94 10.24 -5.78
CA SER A 114 -32.03 10.10 -4.65
C SER A 114 -31.15 11.33 -4.50
N ALA A 115 -30.90 11.71 -3.25
CA ALA A 115 -29.94 12.77 -2.96
C ALA A 115 -28.53 12.41 -3.41
N PHE A 116 -28.27 11.15 -3.72
CA PHE A 116 -26.97 10.70 -4.18
C PHE A 116 -26.96 10.37 -5.67
N ARG A 117 -27.89 10.97 -6.42
CA ARG A 117 -27.98 10.72 -7.86
C ARG A 117 -26.76 11.25 -8.60
N ASP A 118 -25.94 12.08 -7.96
CA ASP A 118 -24.71 12.60 -8.55
C ASP A 118 -23.47 12.19 -7.78
N PHE A 119 -23.61 11.28 -6.79
CA PHE A 119 -22.52 10.88 -5.91
C PHE A 119 -21.61 9.85 -6.58
N PHE A 120 -22.18 8.98 -7.41
CA PHE A 120 -21.44 7.97 -8.17
C PHE A 120 -21.43 8.40 -9.64
N ILE A 121 -20.99 7.52 -10.53
CA ILE A 121 -20.81 7.87 -11.94
C ILE A 121 -21.62 6.95 -12.83
N ASP A 122 -22.66 7.50 -13.45
CA ASP A 122 -23.42 6.81 -14.47
C ASP A 122 -22.58 6.75 -15.74
N TRP A 123 -22.24 5.53 -16.17
CA TRP A 123 -21.33 5.35 -17.29
C TRP A 123 -21.93 5.86 -18.60
N ASN A 124 -23.20 5.58 -18.84
CA ASN A 124 -23.82 6.01 -20.09
C ASN A 124 -23.98 7.53 -20.14
N GLU A 125 -24.27 8.15 -18.99
CA GLU A 125 -24.22 9.61 -18.91
C GLU A 125 -22.83 10.13 -19.23
N PHE A 126 -21.81 9.55 -18.58
CA PHE A 126 -20.45 10.05 -18.71
C PHE A 126 -19.99 10.07 -20.16
N TRP A 127 -20.37 9.04 -20.91
CA TRP A 127 -19.92 8.89 -22.29
C TRP A 127 -20.97 9.28 -23.30
N GLU A 128 -21.98 10.05 -22.89
CA GLU A 128 -23.02 10.48 -23.81
C GLU A 128 -22.39 11.26 -24.97
N GLY A 129 -22.73 10.85 -26.20
CA GLY A 129 -22.17 11.49 -27.37
C GLY A 129 -20.71 11.21 -27.61
N GLU A 130 -20.16 10.15 -27.01
CA GLU A 130 -18.75 9.82 -27.17
C GLU A 130 -18.55 8.33 -27.39
N GLY A 131 -19.56 7.65 -27.91
CA GLY A 131 -19.46 6.23 -28.18
C GLY A 131 -20.80 5.70 -28.67
N GLU A 132 -20.76 4.48 -29.17
CA GLU A 132 -21.95 3.80 -29.65
C GLU A 132 -22.42 2.81 -28.58
N LEU A 133 -23.73 2.56 -28.58
CA LEU A 133 -24.32 1.66 -27.59
C LEU A 133 -24.13 0.21 -27.98
N HIS A 134 -23.61 -0.58 -27.05
CA HIS A 134 -23.49 -2.01 -27.23
C HIS A 134 -24.86 -2.66 -27.20
N ALA A 135 -24.94 -3.88 -27.75
CA ALA A 135 -26.19 -4.62 -27.67
C ALA A 135 -26.65 -4.80 -26.24
N ASP A 136 -25.70 -4.93 -25.30
CA ASP A 136 -26.04 -5.15 -23.90
C ASP A 136 -26.59 -3.90 -23.22
N GLY A 137 -26.48 -2.73 -23.84
CA GLY A 137 -27.06 -1.51 -23.30
C GLY A 137 -26.06 -0.47 -22.85
N HIS A 138 -24.79 -0.83 -22.71
CA HIS A 138 -23.80 0.11 -22.24
C HIS A 138 -23.14 0.83 -23.40
N VAL A 139 -22.59 2.00 -23.12
CA VAL A 139 -21.91 2.78 -24.13
C VAL A 139 -20.48 2.29 -24.27
N VAL A 140 -20.09 1.95 -25.50
CA VAL A 140 -18.70 1.62 -25.82
C VAL A 140 -18.02 2.92 -26.24
N PRO A 141 -17.03 3.41 -25.50
CA PRO A 141 -16.35 4.64 -25.91
C PRO A 141 -15.77 4.50 -27.30
N SER A 142 -15.71 5.62 -28.02
CA SER A 142 -15.10 5.64 -29.35
C SER A 142 -13.66 5.14 -29.28
N PRO A 143 -13.16 4.54 -30.37
CA PRO A 143 -11.79 4.01 -30.34
C PRO A 143 -10.73 4.99 -29.90
N GLU A 144 -10.85 6.26 -30.29
CA GLU A 144 -9.88 7.27 -29.85
C GLU A 144 -9.88 7.39 -28.34
N HIS A 145 -11.06 7.33 -27.71
CA HIS A 145 -11.17 7.38 -26.26
C HIS A 145 -10.76 6.05 -25.63
N LEU A 146 -11.22 4.95 -26.21
CA LEU A 146 -10.97 3.64 -25.63
C LEU A 146 -9.49 3.33 -25.60
N ASP A 147 -8.76 3.70 -26.66
CA ASP A 147 -7.31 3.49 -26.68
C ASP A 147 -6.65 4.07 -25.44
N ARG A 148 -6.90 5.36 -25.17
CA ARG A 148 -6.23 6.06 -24.09
C ARG A 148 -6.60 5.52 -22.72
N LEU A 149 -7.70 4.78 -22.62
CA LEU A 149 -8.25 4.38 -21.33
C LEU A 149 -7.28 3.46 -20.60
N PHE A 150 -6.91 3.84 -19.38
CA PHE A 150 -6.15 2.96 -18.50
C PHE A 150 -7.10 1.94 -17.89
N MET A 151 -6.75 0.66 -18.02
CA MET A 151 -7.66 -0.43 -17.64
C MET A 151 -7.04 -1.30 -16.57
N ARG A 152 -7.77 -1.47 -15.47
CA ARG A 152 -7.43 -2.42 -14.42
C ARG A 152 -8.30 -3.67 -14.52
N LYS A 153 -8.62 -4.13 -15.76
CA LYS A 153 -9.31 -5.39 -15.99
C LYS A 153 -9.80 -5.50 -17.43
N PRO A 154 -10.15 -6.69 -17.91
CA PRO A 154 -10.63 -6.81 -19.29
C PRO A 154 -12.05 -6.29 -19.42
N GLY A 155 -12.36 -5.76 -20.60
CA GLY A 155 -13.63 -5.12 -20.82
C GLY A 155 -13.60 -3.71 -20.28
N LEU A 156 -14.78 -3.20 -19.98
CA LEU A 156 -14.91 -1.84 -19.50
C LEU A 156 -15.10 -1.81 -17.99
N PRO A 157 -14.75 -0.71 -17.35
CA PRO A 157 -14.94 -0.61 -15.88
C PRO A 157 -16.37 -0.23 -15.52
N ILE A 158 -17.29 -1.17 -15.71
CA ILE A 158 -18.71 -0.91 -15.50
C ILE A 158 -19.37 -2.07 -14.78
N LEU A 159 -20.39 -1.75 -13.98
CA LEU A 159 -21.27 -2.74 -13.38
C LEU A 159 -22.71 -2.36 -13.70
N GLN A 160 -23.47 -3.31 -14.20
CA GLN A 160 -24.88 -3.09 -14.46
C GLN A 160 -25.67 -3.24 -13.17
N VAL A 161 -26.51 -2.25 -12.88
CA VAL A 161 -27.32 -2.25 -11.67
C VAL A 161 -28.77 -1.98 -12.05
N ARG A 162 -29.67 -2.28 -11.11
CA ARG A 162 -31.10 -2.18 -11.32
C ARG A 162 -31.63 -1.01 -10.52
N PHE A 163 -32.24 -0.03 -11.20
CA PHE A 163 -32.83 1.13 -10.58
C PHE A 163 -34.30 0.90 -10.25
N PRO A 164 -34.87 1.71 -9.35
CA PRO A 164 -36.23 1.43 -8.87
C PRO A 164 -37.33 1.62 -9.92
N ASP A 165 -37.05 2.27 -11.05
CA ASP A 165 -38.03 2.37 -12.13
C ASP A 165 -38.01 1.16 -13.04
N GLY A 166 -37.22 0.14 -12.73
CA GLY A 166 -37.16 -1.06 -13.54
C GLY A 166 -36.11 -1.03 -14.63
N SER A 167 -35.35 0.05 -14.75
CA SER A 167 -34.31 0.13 -15.77
C SER A 167 -33.02 -0.51 -15.28
N ASP A 168 -32.19 -0.93 -16.24
CA ASP A 168 -30.84 -1.37 -15.98
C ASP A 168 -29.88 -0.26 -16.38
N ARG A 169 -29.06 0.17 -15.43
CA ARG A 169 -28.12 1.25 -15.67
C ARG A 169 -26.69 0.77 -15.40
N PHE A 170 -25.74 1.48 -15.99
CA PHE A 170 -24.33 1.11 -15.92
C PHE A 170 -23.57 2.16 -15.14
N TYR A 171 -22.92 1.72 -14.06
CA TYR A 171 -22.19 2.61 -13.17
C TYR A 171 -20.71 2.25 -13.17
N TRP A 172 -19.88 3.30 -13.07
CA TRP A 172 -18.44 3.13 -13.16
C TRP A 172 -17.93 2.25 -12.04
N ASN A 173 -17.13 1.24 -12.39
CA ASN A 173 -16.64 0.24 -11.44
C ASN A 173 -15.22 -0.13 -11.85
N THR A 174 -14.24 0.65 -11.38
CA THR A 174 -12.87 0.43 -11.83
C THR A 174 -12.33 -0.92 -11.33
N PHE A 175 -12.68 -1.32 -10.12
CA PHE A 175 -12.02 -2.43 -9.43
C PHE A 175 -12.99 -3.59 -9.26
N TYR A 176 -13.18 -4.15 -8.05
CA TYR A 176 -13.87 -5.43 -7.84
C TYR A 176 -15.36 -5.33 -8.16
N GLN A 177 -15.93 -6.45 -8.57
CA GLN A 177 -17.38 -6.60 -8.59
C GLN A 177 -17.72 -8.07 -8.36
N ARG A 178 -18.94 -8.31 -7.91
CA ARG A 178 -19.48 -9.66 -7.72
C ARG A 178 -20.91 -9.65 -8.23
N VAL A 179 -21.22 -10.58 -9.13
CA VAL A 179 -22.59 -10.73 -9.63
C VAL A 179 -23.05 -12.15 -9.33
N GLU A 180 -24.07 -12.27 -8.50
CA GLU A 180 -24.67 -13.55 -8.12
C GLU A 180 -26.06 -13.68 -8.72
N THR A 181 -26.42 -14.88 -9.14
CA THR A 181 -27.75 -15.09 -9.69
C THR A 181 -28.32 -16.43 -9.23
N ILE A 182 -29.65 -16.46 -9.12
CA ILE A 182 -30.44 -17.68 -9.04
C ILE A 182 -31.81 -17.24 -9.54
N ASP A 183 -32.73 -18.20 -9.68
CA ASP A 183 -34.00 -18.04 -10.41
C ASP A 183 -34.15 -16.65 -11.01
N GLY A 184 -35.00 -15.80 -10.46
CA GLY A 184 -35.21 -14.49 -11.04
C GLY A 184 -34.37 -13.38 -10.45
N GLU A 185 -33.40 -13.71 -9.60
CA GLU A 185 -32.77 -12.73 -8.74
C GLU A 185 -31.31 -12.55 -9.12
N ARG A 186 -30.95 -11.33 -9.49
CA ARG A 186 -29.58 -10.93 -9.78
C ARG A 186 -29.16 -9.96 -8.69
N SER A 187 -28.20 -10.37 -7.87
CA SER A 187 -27.65 -9.52 -6.83
C SER A 187 -26.20 -9.19 -7.18
N TYR A 188 -25.71 -8.08 -6.67
CA TYR A 188 -24.38 -7.62 -7.04
C TYR A 188 -23.76 -6.85 -5.90
N LEU A 189 -22.47 -7.02 -5.74
CA LEU A 189 -21.63 -6.17 -4.89
C LEU A 189 -20.54 -5.59 -5.77
N GLY A 190 -19.95 -4.49 -5.31
CA GLY A 190 -18.88 -3.89 -6.08
C GLY A 190 -18.36 -2.57 -5.54
N GLN A 191 -17.15 -2.24 -5.95
CA GLN A 191 -16.53 -0.95 -5.62
C GLN A 191 -16.98 0.05 -6.67
N MET A 192 -17.93 0.91 -6.30
CA MET A 192 -18.52 1.87 -7.21
C MET A 192 -17.78 3.20 -7.11
N ASP A 193 -17.22 3.65 -8.22
CA ASP A 193 -16.38 4.85 -8.20
C ASP A 193 -17.22 6.08 -7.83
N LEU A 194 -16.61 6.96 -7.04
CA LEU A 194 -17.27 8.18 -6.59
C LEU A 194 -17.05 9.30 -7.60
N ASN A 195 -18.00 10.21 -7.66
CA ASN A 195 -17.92 11.36 -8.55
C ASN A 195 -17.21 12.48 -7.81
N ALA A 196 -15.92 12.67 -8.14
CA ALA A 196 -15.12 13.71 -7.52
C ALA A 196 -15.55 15.12 -7.92
N GLU A 197 -16.51 15.26 -8.82
CA GLU A 197 -17.05 16.58 -9.15
C GLU A 197 -18.23 16.98 -8.25
N SER A 198 -18.68 16.06 -7.38
CA SER A 198 -19.88 16.26 -6.56
C SER A 198 -19.53 16.92 -5.24
N PRO A 199 -20.14 18.05 -4.90
CA PRO A 199 -19.91 18.61 -3.55
C PRO A 199 -20.25 17.64 -2.44
N ARG A 200 -21.25 16.77 -2.64
CA ARG A 200 -21.61 15.80 -1.62
C ARG A 200 -20.46 14.84 -1.35
N VAL A 201 -19.76 14.42 -2.41
CA VAL A 201 -18.59 13.56 -2.22
C VAL A 201 -17.53 14.29 -1.39
N TRP A 202 -17.30 15.58 -1.67
CA TRP A 202 -16.28 16.32 -0.92
C TRP A 202 -16.73 16.56 0.52
N THR A 203 -18.03 16.74 0.75
CA THR A 203 -18.53 16.76 2.11
C THR A 203 -18.29 15.42 2.81
N PHE A 204 -18.42 14.31 2.08
CA PHE A 204 -18.15 13.01 2.68
C PHE A 204 -16.67 12.84 2.98
N TYR A 205 -15.80 13.37 2.11
CA TYR A 205 -14.37 13.35 2.39
C TYR A 205 -14.06 14.06 3.71
N ARG A 206 -14.60 15.27 3.89
CA ARG A 206 -14.32 16.05 5.09
C ARG A 206 -14.82 15.32 6.33
N GLU A 207 -16.07 14.85 6.32
CA GLU A 207 -16.59 14.08 7.45
C GLU A 207 -15.72 12.85 7.72
N THR A 208 -15.27 12.16 6.67
CA THR A 208 -14.47 10.96 6.87
C THR A 208 -13.14 11.31 7.52
N PHE A 209 -12.49 12.40 7.07
CA PHE A 209 -11.26 12.85 7.71
C PHE A 209 -11.48 13.13 9.20
N GLU A 210 -12.60 13.78 9.54
CA GLU A 210 -12.90 14.03 10.95
C GLU A 210 -13.10 12.73 11.70
N LYS A 211 -13.79 11.77 11.11
CA LYS A 211 -13.98 10.48 11.74
C LYS A 211 -12.65 9.80 12.01
N LEU A 212 -11.76 9.78 11.00
CA LEU A 212 -10.49 9.11 11.17
C LEU A 212 -9.63 9.81 12.23
N ALA A 213 -9.64 11.14 12.22
CA ALA A 213 -8.90 11.88 13.25
C ALA A 213 -9.41 11.53 14.63
N ARG A 214 -10.74 11.43 14.79
CA ARG A 214 -11.32 11.04 16.07
C ARG A 214 -10.80 9.68 16.52
N TYR A 215 -10.57 8.76 15.59
CA TYR A 215 -10.07 7.45 15.95
C TYR A 215 -8.62 7.49 16.41
N GLY A 216 -7.92 8.60 16.24
CA GLY A 216 -6.52 8.68 16.51
C GLY A 216 -5.63 8.53 15.30
N ALA A 217 -6.14 8.83 14.10
CA ALA A 217 -5.31 8.75 12.91
C ALA A 217 -4.31 9.89 12.89
N LYS A 218 -3.08 9.57 12.50
CA LYS A 218 -2.08 10.58 12.19
C LYS A 218 -1.75 10.64 10.70
N ILE A 219 -1.91 9.52 10.00
CA ILE A 219 -1.66 9.43 8.57
C ILE A 219 -2.94 8.91 7.91
N VAL A 220 -3.33 9.54 6.81
CA VAL A 220 -4.43 9.05 5.99
C VAL A 220 -3.87 8.70 4.62
N ARG A 221 -4.00 7.43 4.26
CA ARG A 221 -3.56 6.92 2.97
C ARG A 221 -4.66 7.15 1.95
N LEU A 222 -4.34 7.83 0.86
CA LEU A 222 -5.29 8.08 -0.22
C LEU A 222 -5.18 6.90 -1.19
N ASP A 223 -6.01 5.89 -0.96
CA ASP A 223 -5.98 4.67 -1.74
C ASP A 223 -6.29 4.94 -3.21
N ALA A 224 -5.53 4.29 -4.09
CA ALA A 224 -5.76 4.37 -5.53
C ALA A 224 -6.04 5.80 -5.99
N PHE A 225 -5.27 6.76 -5.46
CA PHE A 225 -5.57 8.17 -5.67
C PHE A 225 -5.43 8.57 -7.14
N ALA A 226 -4.55 7.92 -7.88
CA ALA A 226 -4.34 8.28 -9.28
C ALA A 226 -5.56 7.96 -10.14
N TYR A 227 -6.47 7.12 -9.66
CA TYR A 227 -7.64 6.73 -10.43
C TYR A 227 -8.85 7.62 -10.20
N LEU A 228 -8.78 8.57 -9.27
CA LEU A 228 -9.96 9.33 -8.87
C LEU A 228 -10.48 10.20 -10.01
N HIS A 229 -9.62 11.01 -10.62
CA HIS A 229 -10.08 11.95 -11.63
C HIS A 229 -10.36 11.23 -12.93
N LYS A 230 -11.57 11.43 -13.46
CA LYS A 230 -12.01 10.79 -14.69
C LYS A 230 -12.46 11.83 -15.68
N ALA A 231 -12.12 11.59 -16.95
CA ALA A 231 -12.47 12.56 -17.98
C ALA A 231 -12.48 11.87 -19.33
N VAL A 232 -13.53 12.12 -20.11
CA VAL A 232 -13.56 11.65 -21.49
C VAL A 232 -12.29 12.11 -22.18
N GLY A 233 -11.66 11.20 -22.92
CA GLY A 233 -10.52 11.53 -23.73
C GLY A 233 -9.18 11.45 -23.02
N ASP A 234 -9.15 11.21 -21.73
CA ASP A 234 -7.92 11.05 -20.98
C ASP A 234 -7.76 9.60 -20.52
N THR A 235 -6.61 9.30 -19.93
CA THR A 235 -6.30 7.92 -19.54
C THR A 235 -6.96 7.54 -18.23
N ASN A 236 -7.23 8.53 -17.37
CA ASN A 236 -7.80 8.31 -16.04
C ASN A 236 -6.84 7.60 -15.11
N PHE A 237 -5.54 7.72 -15.39
CA PHE A 237 -4.52 7.43 -14.39
C PHE A 237 -3.71 8.71 -14.21
N PHE A 238 -3.89 9.35 -13.06
CA PHE A 238 -3.21 10.61 -12.72
C PHE A 238 -3.42 11.67 -13.80
N ASN A 239 -4.68 11.81 -14.25
CA ASN A 239 -5.03 12.92 -15.12
C ASN A 239 -4.55 14.23 -14.48
N THR A 240 -4.00 15.11 -15.31
CA THR A 240 -3.58 16.41 -14.81
C THR A 240 -4.21 17.52 -15.64
N PRO A 241 -4.42 18.70 -15.05
CA PRO A 241 -4.08 19.03 -13.66
C PRO A 241 -5.10 18.56 -12.63
N GLY A 242 -6.15 17.86 -13.08
CA GLY A 242 -7.23 17.50 -12.18
C GLY A 242 -6.77 16.81 -10.91
N THR A 243 -5.85 15.85 -11.04
CA THR A 243 -5.40 15.11 -9.86
C THR A 243 -4.72 16.03 -8.86
N TRP A 244 -3.96 17.01 -9.34
CA TRP A 244 -3.33 17.96 -8.43
C TRP A 244 -4.38 18.81 -7.72
N ASP A 245 -5.43 19.23 -8.44
CA ASP A 245 -6.46 20.07 -7.82
C ASP A 245 -7.20 19.33 -6.73
N HIS A 246 -7.53 18.06 -6.97
CA HIS A 246 -8.16 17.24 -5.93
C HIS A 246 -7.22 17.07 -4.74
N LEU A 247 -5.93 16.84 -4.99
CA LEU A 247 -5.00 16.58 -3.91
C LEU A 247 -4.83 17.81 -3.01
N ASP A 248 -4.62 18.98 -3.62
CA ASP A 248 -4.48 20.19 -2.81
C ASP A 248 -5.73 20.47 -1.99
N ARG A 249 -6.91 20.14 -2.53
CA ARG A 249 -8.14 20.35 -1.77
C ARG A 249 -8.21 19.40 -0.58
N LEU A 250 -7.82 18.14 -0.79
CA LEU A 250 -7.72 17.20 0.32
C LEU A 250 -6.69 17.68 1.34
N ARG A 251 -5.57 18.21 0.85
CA ARG A 251 -4.53 18.69 1.74
C ARG A 251 -5.07 19.70 2.73
N THR A 252 -5.84 20.68 2.25
CA THR A 252 -6.43 21.67 3.13
C THR A 252 -7.28 20.99 4.20
N ILE A 253 -8.21 20.13 3.77
CA ILE A 253 -9.02 19.41 4.75
C ILE A 253 -8.14 18.63 5.71
N SER A 254 -7.14 17.94 5.17
CA SER A 254 -6.23 17.17 6.01
C SER A 254 -5.60 18.05 7.08
N GLU A 255 -5.12 19.22 6.68
CA GLU A 255 -4.40 20.09 7.60
C GLU A 255 -5.31 20.58 8.72
N GLU A 256 -6.59 20.80 8.42
CA GLU A 256 -7.53 21.22 9.45
C GLU A 256 -7.72 20.17 10.53
N ASN A 257 -7.39 18.91 10.25
CA ASN A 257 -7.52 17.85 11.22
C ASN A 257 -6.17 17.37 11.75
N GLY A 258 -5.08 18.04 11.38
CA GLY A 258 -3.77 17.63 11.84
C GLY A 258 -3.33 16.28 11.34
N LEU A 259 -3.61 15.99 10.06
CA LEU A 259 -3.33 14.68 9.49
C LEU A 259 -2.29 14.79 8.38
N VAL A 260 -1.51 13.74 8.20
CA VAL A 260 -0.53 13.65 7.13
C VAL A 260 -1.15 12.83 6.00
N LEU A 261 -1.11 13.38 4.79
CA LEU A 261 -1.65 12.70 3.62
C LEU A 261 -0.57 11.88 2.94
N LEU A 262 -0.90 10.64 2.58
CA LEU A 262 0.01 9.73 1.90
C LEU A 262 -0.71 9.12 0.70
N PRO A 263 -0.62 9.75 -0.47
CA PRO A 263 -1.31 9.19 -1.64
C PRO A 263 -0.62 7.93 -2.15
N GLU A 264 -1.42 6.88 -2.39
CA GLU A 264 -0.91 5.62 -2.90
C GLU A 264 -0.90 5.67 -4.43
N ILE A 265 0.29 5.64 -5.02
CA ILE A 265 0.44 5.72 -6.47
C ILE A 265 1.55 4.80 -6.92
N HIS A 266 1.20 3.82 -7.75
CA HIS A 266 2.19 2.91 -8.34
C HIS A 266 2.59 3.43 -9.73
N GLY A 267 3.25 4.58 -9.71
CA GLY A 267 3.77 5.16 -10.93
C GLY A 267 5.11 4.55 -11.33
N GLU A 268 5.31 4.41 -12.64
CA GLU A 268 6.61 3.99 -13.14
C GLU A 268 7.64 5.06 -12.77
N TYR A 269 8.79 4.62 -12.27
CA TYR A 269 9.84 5.55 -11.87
C TYR A 269 10.11 6.59 -12.94
N GLY A 270 10.17 6.17 -14.20
CA GLY A 270 10.54 7.08 -15.27
C GLY A 270 9.56 8.19 -15.53
N THR A 271 8.33 8.10 -14.99
CA THR A 271 7.38 9.19 -15.09
C THR A 271 7.70 10.33 -14.12
N LYS A 272 8.49 10.06 -13.09
CA LYS A 272 8.90 11.03 -12.08
C LYS A 272 7.70 11.62 -11.32
N ILE A 273 6.55 10.94 -11.35
CA ILE A 273 5.43 11.34 -10.51
C ILE A 273 5.86 11.47 -9.06
N HIS A 274 6.65 10.51 -8.57
CA HIS A 274 7.12 10.57 -7.19
C HIS A 274 7.92 11.84 -6.92
N GLU A 275 8.67 12.32 -7.92
CA GLU A 275 9.41 13.56 -7.74
C GLU A 275 8.46 14.76 -7.69
N GLU A 276 7.44 14.78 -8.54
CA GLU A 276 6.49 15.89 -8.50
C GLU A 276 5.74 15.94 -7.18
N LEU A 277 5.29 14.78 -6.69
CA LEU A 277 4.62 14.73 -5.40
C LEU A 277 5.52 15.26 -4.29
N SER A 278 6.79 14.85 -4.28
CA SER A 278 7.72 15.31 -3.26
C SER A 278 7.98 16.81 -3.38
N ASP A 279 8.16 17.31 -4.60
CA ASP A 279 8.40 18.73 -4.78
C ASP A 279 7.19 19.57 -4.38
N ARG A 280 6.01 18.97 -4.33
CA ARG A 280 4.81 19.63 -3.84
C ARG A 280 4.56 19.35 -2.37
N ASP A 281 5.59 18.89 -1.65
CA ASP A 281 5.54 18.69 -0.20
C ASP A 281 4.54 17.60 0.20
N TYR A 282 4.53 16.50 -0.54
CA TYR A 282 3.73 15.36 -0.17
C TYR A 282 4.65 14.16 0.07
N PRO A 283 4.50 13.44 1.17
CA PRO A 283 5.21 12.16 1.30
C PRO A 283 4.66 11.17 0.28
N VAL A 284 5.49 10.18 -0.04
CA VAL A 284 5.12 9.15 -1.00
C VAL A 284 5.56 7.80 -0.46
N TYR A 285 4.91 6.75 -0.97
CA TYR A 285 5.42 5.40 -0.76
C TYR A 285 6.71 5.21 -1.54
N ASP A 286 7.61 4.40 -1.00
CA ASP A 286 8.78 3.93 -1.72
C ASP A 286 8.46 2.53 -2.25
N PHE A 287 7.92 2.48 -3.48
CA PHE A 287 7.64 1.23 -4.17
C PHE A 287 8.81 0.77 -5.04
N PHE A 288 9.94 1.47 -4.98
CA PHE A 288 11.14 1.06 -5.69
C PHE A 288 12.04 0.19 -4.82
N PHE A 289 12.11 0.49 -3.52
CA PHE A 289 13.02 -0.25 -2.64
C PHE A 289 12.74 -1.75 -2.58
N PRO A 290 11.49 -2.23 -2.58
CA PRO A 290 11.28 -3.69 -2.50
C PRO A 290 12.00 -4.46 -3.59
N GLY A 291 11.82 -4.05 -4.84
CA GLY A 291 12.53 -4.72 -5.92
C GLY A 291 14.01 -4.45 -5.93
N LEU A 292 14.42 -3.24 -5.53
CA LEU A 292 15.84 -2.90 -5.55
C LEU A 292 16.61 -3.71 -4.51
N VAL A 293 16.01 -3.96 -3.34
CA VAL A 293 16.71 -4.69 -2.30
C VAL A 293 16.81 -6.17 -2.65
N ILE A 294 15.77 -6.71 -3.28
CA ILE A 294 15.83 -8.08 -3.79
C ILE A 294 16.94 -8.20 -4.83
N ASP A 295 16.99 -7.25 -5.77
CA ASP A 295 18.02 -7.30 -6.80
C ASP A 295 19.40 -7.10 -6.19
N ALA A 296 19.53 -6.16 -5.24
CA ALA A 296 20.82 -5.94 -4.58
C ALA A 296 21.29 -7.20 -3.86
N ILE A 297 20.38 -7.90 -3.19
CA ILE A 297 20.76 -9.10 -2.45
C ILE A 297 21.01 -10.25 -3.42
N ASP A 298 20.15 -10.42 -4.43
CA ASP A 298 20.31 -11.53 -5.36
C ASP A 298 21.60 -11.40 -6.17
N SER A 299 22.06 -10.16 -6.41
CA SER A 299 23.26 -9.96 -7.20
C SER A 299 24.48 -9.62 -6.36
N ALA A 300 24.31 -9.40 -5.06
CA ALA A 300 25.41 -8.99 -4.19
C ALA A 300 26.13 -7.75 -4.72
N SER A 301 25.34 -6.77 -5.14
N SER A 301 25.33 -6.76 -5.12
CA SER A 301 25.88 -5.49 -5.60
CA SER A 301 25.83 -5.50 -5.66
C SER A 301 24.89 -4.39 -5.24
C SER A 301 24.87 -4.38 -5.26
N ASN A 302 25.43 -3.24 -4.85
CA ASN A 302 24.63 -2.13 -4.35
C ASN A 302 24.33 -1.06 -5.40
N THR A 303 24.81 -1.24 -6.63
CA THR A 303 24.86 -0.14 -7.59
C THR A 303 23.50 0.50 -7.79
N HIS A 304 22.48 -0.30 -8.10
CA HIS A 304 21.17 0.25 -8.40
C HIS A 304 20.51 0.81 -7.15
N LEU A 305 20.67 0.12 -6.01
CA LEU A 305 20.07 0.60 -4.78
C LEU A 305 20.68 1.92 -4.34
N LEU A 306 22.01 2.04 -4.42
CA LEU A 306 22.65 3.29 -4.02
C LEU A 306 22.17 4.46 -4.88
N ARG A 307 22.03 4.24 -6.20
CA ARG A 307 21.54 5.31 -7.05
C ARG A 307 20.21 5.85 -6.54
N TRP A 308 19.28 4.94 -6.17
CA TRP A 308 17.99 5.38 -5.65
C TRP A 308 18.13 6.06 -4.29
N ILE A 309 18.97 5.51 -3.42
CA ILE A 309 19.23 6.14 -2.13
C ILE A 309 19.74 7.56 -2.32
N ASP A 310 20.64 7.77 -3.29
CA ASP A 310 21.19 9.10 -3.51
C ASP A 310 20.11 10.08 -3.97
N GLU A 311 19.15 9.60 -4.78
CA GLU A 311 18.09 10.50 -5.25
C GLU A 311 17.13 10.88 -4.14
N ILE A 312 16.90 9.98 -3.18
CA ILE A 312 16.09 10.32 -2.01
C ILE A 312 16.68 11.53 -1.30
N ILE A 313 18.00 11.52 -1.10
CA ILE A 313 18.66 12.65 -0.45
C ILE A 313 18.64 13.87 -1.36
N GLU A 314 19.10 13.70 -2.61
CA GLU A 314 19.24 14.83 -3.52
C GLU A 314 17.91 15.49 -3.81
N ARG A 315 16.84 14.70 -3.91
CA ARG A 315 15.51 15.24 -4.17
C ARG A 315 14.69 15.45 -2.90
N ASP A 316 15.24 15.12 -1.74
CA ASP A 316 14.57 15.37 -0.45
C ASP A 316 13.22 14.68 -0.39
N ILE A 317 13.21 13.40 -0.70
CA ILE A 317 11.99 12.62 -0.81
C ILE A 317 11.66 12.02 0.54
N ALA A 318 10.51 12.40 1.11
CA ALA A 318 10.00 11.78 2.32
C ALA A 318 9.19 10.56 1.90
N THR A 319 9.55 9.41 2.43
CA THR A 319 8.93 8.16 2.01
C THR A 319 8.41 7.36 3.19
N VAL A 320 7.48 6.47 2.87
CA VAL A 320 7.19 5.29 3.67
C VAL A 320 7.69 4.11 2.86
N ASN A 321 8.69 3.41 3.37
CA ASN A 321 9.25 2.27 2.67
C ASN A 321 8.74 0.97 3.31
N MET A 322 9.08 -0.14 2.66
CA MET A 322 8.54 -1.42 3.07
C MET A 322 9.31 -2.52 2.35
N LEU A 323 9.20 -3.72 2.90
CA LEU A 323 9.54 -4.92 2.14
C LEU A 323 8.22 -5.39 1.53
N GLY A 324 7.49 -6.25 2.23
CA GLY A 324 6.19 -6.69 1.77
C GLY A 324 5.06 -5.79 2.27
N CYS A 325 3.89 -5.97 1.66
CA CYS A 325 2.66 -5.34 2.13
C CYS A 325 1.50 -6.24 1.73
N HIS A 326 0.28 -5.70 1.81
CA HIS A 326 -0.90 -6.49 1.52
C HIS A 326 -1.05 -6.76 0.02
N ASP A 327 -0.38 -5.98 -0.83
CA ASP A 327 -0.36 -6.22 -2.26
C ASP A 327 0.90 -7.01 -2.62
N GLY A 328 1.14 -7.18 -3.94
CA GLY A 328 2.34 -7.86 -4.39
C GLY A 328 3.55 -6.94 -4.43
N ILE A 329 4.69 -7.55 -4.74
CA ILE A 329 5.96 -6.85 -4.91
C ILE A 329 5.90 -6.03 -6.19
N PRO A 330 6.05 -4.71 -6.13
CA PRO A 330 5.92 -3.89 -7.36
C PRO A 330 7.09 -4.13 -8.30
N VAL A 331 6.77 -4.33 -9.58
CA VAL A 331 7.78 -4.47 -10.61
C VAL A 331 7.61 -3.44 -11.73
N ILE A 332 6.37 -3.13 -12.11
CA ILE A 332 6.18 -2.08 -13.09
C ILE A 332 6.75 -0.76 -12.57
N ASP A 333 6.67 -0.53 -11.25
CA ASP A 333 7.16 0.71 -10.67
C ASP A 333 8.62 0.96 -11.01
N LEU A 334 9.38 -0.08 -11.34
CA LEU A 334 10.81 0.07 -11.59
C LEU A 334 11.13 0.49 -13.02
N LYS A 335 10.14 0.58 -13.90
CA LYS A 335 10.39 0.83 -15.30
C LYS A 335 10.55 2.33 -15.57
N GLY A 336 10.94 2.65 -16.80
CA GLY A 336 11.22 4.01 -17.19
C GLY A 336 10.04 4.77 -17.76
N GLY A 337 8.84 4.23 -17.69
CA GLY A 337 7.68 4.91 -18.21
C GLY A 337 7.68 4.92 -19.72
N PRO A 338 6.90 5.83 -20.31
CA PRO A 338 6.80 5.85 -21.78
C PRO A 338 8.09 6.23 -22.48
N THR A 339 8.84 7.20 -21.96
CA THR A 339 10.05 7.66 -22.61
C THR A 339 11.30 7.56 -21.74
N GLY A 340 11.16 7.54 -20.42
CA GLY A 340 12.29 7.65 -19.52
C GLY A 340 13.04 6.33 -19.35
N GLN A 341 13.92 6.34 -18.36
CA GLN A 341 14.77 5.21 -17.99
C GLN A 341 14.42 4.78 -16.58
N GLY A 342 14.39 3.47 -16.36
CA GLY A 342 14.00 2.93 -15.07
C GLY A 342 15.16 2.84 -14.10
N LEU A 343 14.83 2.40 -12.88
CA LEU A 343 15.83 2.17 -11.85
C LEU A 343 16.52 0.81 -11.99
N LEU A 344 15.95 -0.08 -12.79
CA LEU A 344 16.57 -1.34 -13.17
C LEU A 344 16.26 -1.50 -14.65
N PRO A 345 17.21 -1.99 -15.45
CA PRO A 345 16.91 -2.24 -16.87
C PRO A 345 15.73 -3.19 -17.01
N ASP A 346 14.99 -3.02 -18.11
CA ASP A 346 13.87 -3.91 -18.38
C ASP A 346 14.29 -5.36 -18.20
N ALA A 347 15.40 -5.74 -18.83
CA ALA A 347 15.86 -7.12 -18.80
C ALA A 347 16.16 -7.58 -17.38
N THR A 348 16.67 -6.67 -16.54
CA THR A 348 16.96 -7.03 -15.15
C THR A 348 15.67 -7.25 -14.36
N ILE A 349 14.63 -6.44 -14.64
CA ILE A 349 13.36 -6.65 -13.95
C ILE A 349 12.76 -7.99 -14.35
N GLU A 350 12.78 -8.31 -15.64
CA GLU A 350 12.18 -9.55 -16.12
C GLU A 350 12.91 -10.76 -15.54
N ALA A 351 14.24 -10.71 -15.47
CA ALA A 351 14.99 -11.80 -14.88
C ALA A 351 14.66 -11.95 -13.39
N MET A 352 14.45 -10.83 -12.69
CA MET A 352 14.04 -10.91 -11.30
C MET A 352 12.66 -11.55 -11.18
N ILE A 353 11.73 -11.17 -12.05
CA ILE A 353 10.41 -11.80 -12.05
C ILE A 353 10.55 -13.31 -12.23
N SER A 354 11.40 -13.74 -13.16
CA SER A 354 11.59 -15.17 -13.39
C SER A 354 12.06 -15.85 -12.10
N ARG A 355 13.04 -15.26 -11.42
CA ARG A 355 13.52 -15.84 -10.16
C ARG A 355 12.40 -15.92 -9.15
N LEU A 356 11.66 -14.82 -8.98
CA LEU A 356 10.56 -14.81 -8.02
C LEU A 356 9.54 -15.89 -8.37
N LEU A 357 9.31 -16.14 -9.67
CA LEU A 357 8.41 -17.20 -10.07
C LEU A 357 8.99 -18.57 -9.74
N GLU A 358 10.30 -18.74 -9.90
CA GLU A 358 10.94 -19.98 -9.48
C GLU A 358 10.77 -20.21 -7.98
N ARG A 359 10.67 -19.12 -7.20
CA ARG A 359 10.49 -19.20 -5.76
C ARG A 359 9.02 -19.28 -5.35
N GLY A 360 8.12 -19.61 -6.29
CA GLY A 360 6.71 -19.75 -5.99
C GLY A 360 5.89 -18.49 -6.19
N GLY A 361 6.52 -17.40 -6.61
CA GLY A 361 5.76 -16.19 -6.85
C GLY A 361 4.81 -16.35 -8.02
N ARG A 362 3.82 -15.47 -8.06
CA ARG A 362 2.81 -15.48 -9.10
C ARG A 362 2.65 -14.07 -9.64
N VAL A 363 2.90 -13.90 -10.92
CA VAL A 363 2.93 -12.57 -11.51
C VAL A 363 1.50 -12.08 -11.70
N LYS A 364 1.33 -10.77 -11.57
CA LYS A 364 0.07 -10.08 -11.77
C LYS A 364 0.30 -9.01 -12.83
N ASN A 365 -0.40 -9.12 -13.96
CA ASN A 365 -0.17 -8.23 -15.09
C ASN A 365 -1.29 -7.20 -15.21
N LEU A 366 -1.08 -6.24 -16.10
CA LEU A 366 -2.10 -5.28 -16.50
C LEU A 366 -2.48 -5.52 -17.95
N TYR A 367 -3.78 -5.44 -18.25
CA TYR A 367 -4.29 -5.66 -19.60
C TYR A 367 -5.13 -4.47 -20.03
N GLY A 368 -4.96 -4.06 -21.28
CA GLY A 368 -5.79 -3.01 -21.84
C GLY A 368 -7.20 -3.50 -22.13
N ALA A 369 -8.04 -2.56 -22.54
CA ALA A 369 -9.42 -2.90 -22.87
C ALA A 369 -9.48 -3.93 -24.00
N ASP A 370 -8.53 -3.86 -24.94
CA ASP A 370 -8.45 -4.78 -26.06
C ASP A 370 -7.90 -6.16 -25.67
N GLY A 371 -7.69 -6.41 -24.38
CA GLY A 371 -7.20 -7.69 -23.91
C GLY A 371 -5.72 -7.88 -23.98
N THR A 372 -5.00 -7.10 -24.79
CA THR A 372 -3.56 -7.22 -24.91
C THR A 372 -2.89 -6.74 -23.62
N LYS A 373 -2.12 -7.61 -22.99
CA LYS A 373 -1.46 -7.24 -21.74
C LYS A 373 -0.50 -6.08 -21.99
N VAL A 374 -0.52 -5.12 -21.07
CA VAL A 374 0.36 -3.96 -21.17
C VAL A 374 1.72 -4.22 -20.55
N SER A 375 1.73 -4.84 -19.37
CA SER A 375 2.99 -5.09 -18.69
C SER A 375 2.72 -5.93 -17.44
N TYR A 376 3.79 -6.53 -16.93
CA TYR A 376 3.75 -7.02 -15.55
C TYR A 376 3.48 -5.85 -14.61
N TYR A 377 2.84 -6.15 -13.49
CA TYR A 377 2.48 -5.12 -12.52
C TYR A 377 3.10 -5.41 -11.15
N GLN A 378 2.78 -6.55 -10.55
CA GLN A 378 3.33 -6.94 -9.26
C GLN A 378 3.62 -8.42 -9.33
N VAL A 379 4.37 -8.92 -8.34
CA VAL A 379 4.60 -10.34 -8.17
C VAL A 379 4.09 -10.73 -6.79
N ASN A 380 3.09 -11.60 -6.75
CA ASN A 380 2.48 -12.05 -5.50
C ASN A 380 3.37 -13.10 -4.85
N ALA A 381 3.87 -12.80 -3.66
CA ALA A 381 4.74 -13.70 -2.92
C ALA A 381 5.06 -13.06 -1.57
N THR A 382 5.39 -13.87 -0.56
CA THR A 382 5.89 -13.31 0.69
C THR A 382 7.35 -12.90 0.50
N PHE A 383 7.77 -11.87 1.24
CA PHE A 383 9.13 -11.41 1.06
C PHE A 383 10.12 -12.48 1.50
N PHE A 384 9.77 -13.27 2.52
CA PHE A 384 10.64 -14.37 2.93
C PHE A 384 10.88 -15.34 1.78
N SER A 385 9.82 -15.69 1.05
CA SER A 385 9.97 -16.58 -0.10
C SER A 385 10.67 -15.86 -1.26
N ALA A 386 10.39 -14.58 -1.45
CA ALA A 386 11.04 -13.85 -2.52
C ALA A 386 12.54 -13.86 -2.37
N LEU A 387 13.02 -13.92 -1.12
CA LEU A 387 14.45 -13.97 -0.84
C LEU A 387 14.97 -15.40 -0.67
N GLY A 388 14.21 -16.40 -1.13
CA GLY A 388 14.68 -17.77 -1.05
C GLY A 388 14.52 -18.43 0.29
N GLU A 389 13.64 -17.90 1.16
CA GLU A 389 13.38 -18.51 2.46
C GLU A 389 14.68 -18.63 3.27
N SER A 390 15.47 -17.57 3.24
CA SER A 390 16.71 -17.47 3.99
C SER A 390 16.54 -16.46 5.12
N ASP A 391 16.74 -16.90 6.36
CA ASP A 391 16.69 -15.99 7.48
C ASP A 391 17.74 -14.90 7.36
N ALA A 392 18.93 -15.24 6.86
CA ALA A 392 20.00 -14.25 6.75
C ALA A 392 19.66 -13.17 5.74
N ARG A 393 19.04 -13.55 4.62
CA ARG A 393 18.65 -12.55 3.63
C ARG A 393 17.54 -11.66 4.15
N LEU A 394 16.58 -12.24 4.88
CA LEU A 394 15.50 -11.42 5.45
C LEU A 394 16.04 -10.49 6.54
N ARG A 395 16.95 -10.99 7.39
CA ARG A 395 17.57 -10.10 8.37
C ARG A 395 18.30 -8.94 7.68
N LEU A 396 19.02 -9.24 6.60
CA LEU A 396 19.76 -8.22 5.88
C LEU A 396 18.82 -7.21 5.23
N ALA A 397 17.75 -7.69 4.58
CA ALA A 397 16.79 -6.78 3.96
C ALA A 397 16.14 -5.87 4.99
N ARG A 398 15.78 -6.41 6.16
CA ARG A 398 15.21 -5.59 7.23
C ARG A 398 16.21 -4.53 7.68
N ALA A 399 17.45 -4.95 7.97
CA ALA A 399 18.47 -4.01 8.42
C ALA A 399 18.64 -2.88 7.41
N ILE A 400 18.75 -3.21 6.13
CA ILE A 400 18.88 -2.17 5.10
C ILE A 400 17.65 -1.28 5.09
N GLN A 401 16.46 -1.89 5.13
CA GLN A 401 15.23 -1.10 5.14
C GLN A 401 15.25 -0.07 6.27
N LEU A 402 15.68 -0.49 7.46
CA LEU A 402 15.62 0.37 8.63
C LEU A 402 16.65 1.49 8.58
N PHE A 403 17.70 1.37 7.78
CA PHE A 403 18.74 2.39 7.70
C PHE A 403 18.62 3.26 6.45
N VAL A 404 17.73 2.94 5.53
CA VAL A 404 17.45 3.81 4.39
C VAL A 404 16.55 4.94 4.87
N PRO A 405 16.69 6.15 4.36
CA PRO A 405 15.76 7.21 4.77
C PRO A 405 14.31 6.82 4.48
N GLY A 406 13.44 7.18 5.42
CA GLY A 406 12.02 6.95 5.27
C GLY A 406 11.42 6.27 6.47
N THR A 407 10.10 6.34 6.59
CA THR A 407 9.37 5.68 7.65
C THR A 407 9.23 4.20 7.30
N PRO A 408 9.80 3.28 8.10
CA PRO A 408 9.76 1.87 7.71
C PRO A 408 8.49 1.16 8.13
N GLN A 409 7.77 0.63 7.15
CA GLN A 409 6.54 -0.12 7.38
C GLN A 409 6.88 -1.61 7.44
N VAL A 410 6.42 -2.27 8.50
CA VAL A 410 6.75 -3.67 8.75
C VAL A 410 5.48 -4.51 8.58
N TRP A 411 5.50 -5.41 7.59
CA TRP A 411 4.40 -6.34 7.35
C TRP A 411 4.45 -7.44 8.39
N TYR A 412 3.33 -7.65 9.09
CA TYR A 412 3.28 -8.62 10.17
C TYR A 412 3.83 -9.97 9.73
N LEU A 413 3.53 -10.38 8.49
CA LEU A 413 3.89 -11.72 8.02
C LEU A 413 5.37 -11.84 7.72
N ASP A 414 6.01 -10.76 7.31
CA ASP A 414 7.47 -10.75 7.18
C ASP A 414 8.14 -10.82 8.55
N LEU A 415 7.58 -10.10 9.53
CA LEU A 415 8.12 -10.15 10.89
C LEU A 415 8.20 -11.58 11.39
N PHE A 416 7.19 -12.40 11.05
CA PHE A 416 7.17 -13.80 11.44
C PHE A 416 7.65 -14.72 10.32
N ALA A 417 8.31 -14.15 9.31
CA ALA A 417 8.98 -14.92 8.26
C ALA A 417 8.06 -15.95 7.62
N GLY A 418 6.85 -15.50 7.28
CA GLY A 418 5.90 -16.38 6.63
C GLY A 418 6.30 -16.67 5.19
N ALA A 419 6.24 -17.93 4.79
CA ALA A 419 6.50 -18.31 3.42
C ALA A 419 5.20 -18.29 2.61
N ASN A 420 5.34 -18.44 1.29
CA ASN A 420 4.19 -18.45 0.40
C ASN A 420 3.09 -19.37 0.91
N ASP A 421 1.88 -18.83 1.02
CA ASP A 421 0.71 -19.60 1.41
C ASP A 421 0.05 -20.11 0.13
N VAL A 422 0.64 -21.16 -0.43
CA VAL A 422 0.17 -21.70 -1.70
C VAL A 422 -1.26 -22.19 -1.58
N GLU A 423 -1.58 -22.87 -0.48
CA GLU A 423 -2.93 -23.38 -0.27
C GLU A 423 -3.96 -22.25 -0.35
N ALA A 424 -3.71 -21.16 0.37
CA ALA A 424 -4.66 -20.05 0.35
C ALA A 424 -4.77 -19.44 -1.04
N ALA A 425 -3.66 -19.39 -1.77
CA ALA A 425 -3.66 -18.74 -3.07
C ALA A 425 -4.49 -19.49 -4.10
N ASP A 426 -4.64 -20.80 -3.92
CA ASP A 426 -5.38 -21.63 -4.87
C ASP A 426 -6.77 -22.01 -4.37
N ARG A 427 -7.16 -21.57 -3.17
CA ARG A 427 -8.43 -22.02 -2.61
C ARG A 427 -9.60 -21.42 -3.38
N ALA A 428 -10.55 -22.28 -3.78
CA ALA A 428 -11.76 -21.80 -4.45
C ALA A 428 -12.57 -20.95 -3.50
N GLY A 429 -12.97 -19.76 -3.95
CA GLY A 429 -13.73 -18.85 -3.15
C GLY A 429 -12.91 -17.84 -2.37
N ALA A 430 -11.58 -17.96 -2.39
CA ALA A 430 -10.72 -16.98 -1.74
C ALA A 430 -10.45 -15.83 -2.70
N ASP A 431 -9.68 -14.84 -2.21
CA ASP A 431 -9.41 -13.63 -2.98
C ASP A 431 -8.30 -13.82 -4.00
N GLY A 432 -7.92 -15.04 -4.31
CA GLY A 432 -6.94 -15.27 -5.36
C GLY A 432 -5.50 -15.25 -4.90
N HIS A 433 -4.61 -14.78 -5.77
CA HIS A 433 -3.19 -14.97 -5.55
C HIS A 433 -2.64 -14.09 -4.44
N LYS A 434 -3.28 -12.95 -4.14
CA LYS A 434 -2.80 -12.12 -3.05
C LYS A 434 -2.87 -12.84 -1.71
N GLU A 435 -3.72 -13.87 -1.60
CA GLU A 435 -3.78 -14.69 -0.39
C GLU A 435 -2.45 -15.36 -0.07
N ILE A 436 -1.56 -15.47 -1.06
CA ILE A 436 -0.26 -16.10 -0.83
C ILE A 436 0.51 -15.37 0.25
N ASN A 437 0.15 -14.12 0.53
CA ASN A 437 0.93 -13.24 1.38
C ASN A 437 0.04 -12.56 2.42
N ARG A 438 -1.06 -13.21 2.79
CA ARG A 438 -2.01 -12.64 3.75
C ARG A 438 -2.40 -13.65 4.83
N THR A 439 -1.52 -14.60 5.13
CA THR A 439 -1.84 -15.63 6.11
C THR A 439 -2.22 -15.04 7.46
N ASN A 440 -3.33 -15.48 8.02
CA ASN A 440 -3.71 -15.09 9.37
C ASN A 440 -2.95 -15.96 10.38
N LEU A 441 -2.44 -15.32 11.42
CA LEU A 441 -1.68 -15.98 12.46
C LEU A 441 -2.50 -16.11 13.73
N SER A 442 -2.36 -17.25 14.41
CA SER A 442 -2.99 -17.46 15.70
C SER A 442 -2.08 -16.92 16.81
N ALA A 443 -2.62 -16.88 18.03
CA ALA A 443 -1.80 -16.53 19.18
C ALA A 443 -0.67 -17.55 19.35
N ALA A 444 -0.96 -18.82 19.07
CA ALA A 444 0.08 -19.85 19.11
C ALA A 444 1.19 -19.55 18.12
N ASP A 445 0.82 -19.24 16.86
CA ASP A 445 1.82 -18.85 15.87
C ASP A 445 2.70 -17.74 16.42
N VAL A 446 2.08 -16.75 17.06
CA VAL A 446 2.82 -15.60 17.58
C VAL A 446 3.79 -16.05 18.66
N GLU A 447 3.32 -16.86 19.59
CA GLU A 447 4.17 -17.34 20.67
C GLU A 447 5.38 -18.10 20.12
N ALA A 448 5.12 -19.14 19.32
CA ALA A 448 6.21 -19.92 18.75
C ALA A 448 7.19 -19.05 17.99
N GLY A 449 6.71 -17.99 17.35
CA GLY A 449 7.59 -17.10 16.63
C GLY A 449 8.50 -16.28 17.53
N LEU A 450 8.03 -15.95 18.72
CA LEU A 450 8.83 -15.16 19.65
C LEU A 450 9.96 -15.97 20.27
N ALA A 451 10.10 -17.23 19.90
CA ALA A 451 11.26 -18.03 20.25
C ALA A 451 12.21 -18.22 19.06
N ARG A 452 11.89 -17.62 17.91
CA ARG A 452 12.69 -17.81 16.71
C ARG A 452 13.67 -16.67 16.52
N PRO A 453 14.94 -16.95 16.24
CA PRO A 453 15.89 -15.84 15.98
C PRO A 453 15.44 -14.91 14.87
N ILE A 454 14.84 -15.44 13.80
CA ILE A 454 14.47 -14.58 12.68
C ILE A 454 13.41 -13.57 13.11
N VAL A 455 12.59 -13.91 14.11
CA VAL A 455 11.61 -12.95 14.60
C VAL A 455 12.24 -12.01 15.63
N LEU A 456 12.97 -12.59 16.60
CA LEU A 456 13.56 -11.81 17.66
C LEU A 456 14.61 -10.84 17.13
N ASP A 457 15.43 -11.28 16.17
CA ASP A 457 16.48 -10.41 15.63
C ASP A 457 15.86 -9.20 14.92
N GLN A 458 14.79 -9.43 14.16
CA GLN A 458 14.09 -8.31 13.54
C GLN A 458 13.55 -7.34 14.58
N LEU A 459 12.97 -7.89 15.66
CA LEU A 459 12.41 -7.03 16.70
C LEU A 459 13.51 -6.22 17.39
N GLU A 460 14.68 -6.82 17.62
CA GLU A 460 15.76 -6.08 18.24
C GLU A 460 16.17 -4.91 17.37
N MET A 461 16.26 -5.13 16.05
CA MET A 461 16.58 -4.03 15.15
C MET A 461 15.45 -3.02 15.09
N ILE A 462 14.20 -3.49 15.11
CA ILE A 462 13.06 -2.59 15.03
C ILE A 462 13.02 -1.68 16.25
N ARG A 463 13.17 -2.26 17.45
CA ARG A 463 13.14 -1.46 18.66
C ARG A 463 14.22 -0.37 18.65
N LEU A 464 15.40 -0.69 18.12
CA LEU A 464 16.46 0.31 18.01
C LEU A 464 16.08 1.41 17.02
N ARG A 465 15.56 1.02 15.85
CA ARG A 465 15.17 2.00 14.85
C ARG A 465 14.06 2.91 15.35
N ASN A 466 13.16 2.38 16.18
CA ASN A 466 12.02 3.16 16.65
C ASN A 466 12.39 4.12 17.77
N ALA A 467 13.49 3.86 18.49
CA ALA A 467 13.81 4.61 19.70
C ALA A 467 15.05 5.49 19.60
N SER A 468 16.07 5.09 18.84
CA SER A 468 17.33 5.85 18.84
C SER A 468 17.15 7.22 18.19
N PRO A 469 17.56 8.31 18.84
CA PRO A 469 17.49 9.62 18.18
C PRO A 469 18.42 9.75 17.00
N ALA A 470 19.30 8.77 16.75
CA ALA A 470 20.22 8.87 15.62
C ALA A 470 19.46 9.02 14.31
N PHE A 471 18.34 8.31 14.18
CA PHE A 471 17.58 8.31 12.94
C PHE A 471 16.78 9.59 12.75
N ASP A 472 16.75 10.46 13.74
CA ASP A 472 16.20 11.80 13.58
C ASP A 472 17.24 12.80 13.05
N GLY A 473 18.47 12.36 12.81
CA GLY A 473 19.54 13.26 12.42
C GLY A 473 19.96 13.13 10.96
N ARG A 474 21.26 13.18 10.73
CA ARG A 474 21.82 13.22 9.39
C ARG A 474 22.16 11.82 8.91
N PHE A 475 21.80 11.53 7.66
CA PHE A 475 22.09 10.25 7.04
C PHE A 475 23.29 10.37 6.12
N GLU A 476 24.10 9.32 6.05
CA GLU A 476 25.28 9.33 5.21
C GLU A 476 25.52 7.93 4.69
N VAL A 477 25.88 7.83 3.42
CA VAL A 477 26.39 6.59 2.85
C VAL A 477 27.91 6.63 2.96
N VAL A 478 28.48 5.71 3.73
CA VAL A 478 29.93 5.64 3.87
C VAL A 478 30.49 4.90 2.66
N PRO A 479 31.41 5.48 1.90
CA PRO A 479 31.86 4.82 0.66
C PRO A 479 32.50 3.46 0.93
N THR A 480 32.07 2.47 0.14
CA THR A 480 32.61 1.12 0.17
C THR A 480 32.69 0.63 -1.27
N ASP A 481 33.23 -0.58 -1.46
CA ASP A 481 33.11 -1.22 -2.77
C ASP A 481 31.67 -1.67 -2.99
N ASP A 482 31.35 -1.98 -4.24
CA ASP A 482 29.95 -2.18 -4.61
C ASP A 482 29.33 -3.42 -4.00
N THR A 483 30.10 -4.29 -3.36
CA THR A 483 29.53 -5.48 -2.71
C THR A 483 29.20 -5.25 -1.24
N ARG A 484 29.39 -4.03 -0.73
CA ARG A 484 29.08 -3.71 0.65
C ARG A 484 28.15 -2.52 0.71
N LEU A 485 27.58 -2.29 1.89
CA LEU A 485 26.68 -1.18 2.10
C LEU A 485 26.86 -0.70 3.53
N GLN A 486 27.29 0.55 3.69
CA GLN A 486 27.58 1.10 5.01
C GLN A 486 26.78 2.39 5.16
N LEU A 487 25.75 2.34 6.00
CA LEU A 487 24.79 3.44 6.15
C LEU A 487 24.86 3.94 7.58
N ARG A 488 24.94 5.26 7.74
CA ARG A 488 25.24 5.89 9.02
C ARG A 488 24.24 7.00 9.32
N TRP A 489 23.72 7.00 10.53
CA TRP A 489 22.86 8.06 11.04
C TRP A 489 23.50 8.69 12.26
N GLN A 490 23.50 10.03 12.32
CA GLN A 490 24.05 10.72 13.48
C GLN A 490 23.16 11.88 13.88
N ASN A 491 22.84 11.95 15.17
CA ASN A 491 22.06 13.05 15.75
C ASN A 491 22.84 13.54 16.96
N GLY A 492 23.66 14.56 16.78
CA GLY A 492 24.54 14.98 17.85
C GLY A 492 25.58 13.93 18.16
N SER A 493 25.56 13.40 19.38
CA SER A 493 26.52 12.38 19.79
C SER A 493 25.96 10.96 19.67
N THR A 494 24.75 10.79 19.18
CA THR A 494 24.15 9.47 19.00
C THR A 494 24.35 9.03 17.56
N VAL A 495 24.93 7.83 17.38
CA VAL A 495 25.30 7.35 16.07
C VAL A 495 24.80 5.91 15.91
N ALA A 496 24.20 5.63 14.76
CA ALA A 496 23.81 4.29 14.36
C ALA A 496 24.47 3.99 13.03
N LEU A 497 25.24 2.91 12.98
CA LEU A 497 26.00 2.52 11.79
C LEU A 497 25.63 1.11 11.40
N LEU A 498 25.14 0.94 10.17
CA LEU A 498 24.94 -0.37 9.57
C LEU A 498 26.14 -0.64 8.67
N ASP A 499 26.84 -1.74 8.93
CA ASP A 499 27.98 -2.17 8.13
C ASP A 499 27.60 -3.54 7.55
N ALA A 500 27.16 -3.55 6.28
CA ALA A 500 26.60 -4.75 5.67
C ALA A 500 27.45 -5.22 4.50
N ASP A 501 27.50 -6.54 4.34
CA ASP A 501 28.26 -7.20 3.28
C ASP A 501 27.28 -8.03 2.47
N LEU A 502 27.00 -7.60 1.24
CA LEU A 502 25.99 -8.26 0.43
C LEU A 502 26.47 -9.62 -0.09
N ALA A 503 27.78 -9.80 -0.22
CA ALA A 503 28.33 -11.06 -0.72
C ALA A 503 28.17 -12.17 0.32
N THR A 504 28.54 -11.89 1.56
CA THR A 504 28.45 -12.87 2.64
C THR A 504 27.12 -12.83 3.36
N GLU A 505 26.30 -11.82 3.11
CA GLU A 505 25.02 -11.57 3.77
C GLU A 505 25.18 -11.23 5.25
N ARG A 506 26.39 -10.91 5.69
CA ARG A 506 26.64 -10.56 7.08
C ARG A 506 26.56 -9.05 7.27
N PHE A 507 26.28 -8.65 8.51
CA PHE A 507 26.23 -7.24 8.86
C PHE A 507 26.27 -7.10 10.37
N THR A 508 26.67 -5.92 10.82
CA THR A 508 26.59 -5.54 12.22
C THR A 508 25.99 -4.14 12.31
N ILE A 509 25.36 -3.86 13.45
CA ILE A 509 24.83 -2.52 13.73
C ILE A 509 25.53 -2.01 14.98
N THR A 510 26.22 -0.88 14.84
CA THR A 510 26.85 -0.21 15.96
C THR A 510 26.00 0.99 16.38
N HIS A 511 25.72 1.08 17.67
CA HIS A 511 24.90 2.16 18.22
C HIS A 511 25.68 2.83 19.33
N GLU A 512 26.01 4.10 19.15
CA GLU A 512 26.68 4.90 20.16
C GLU A 512 25.65 5.86 20.74
N HIS A 513 25.40 5.75 22.04
CA HIS A 513 24.43 6.63 22.69
C HIS A 513 24.86 6.85 24.13
N ASP A 514 24.92 8.13 24.52
CA ASP A 514 25.35 8.51 25.86
C ASP A 514 26.70 7.90 26.21
N GLY A 515 27.63 7.93 25.25
CA GLY A 515 28.97 7.41 25.48
C GLY A 515 29.08 5.91 25.58
N HIS A 516 27.97 5.19 25.59
CA HIS A 516 27.96 3.73 25.61
C HIS A 516 27.83 3.23 24.18
N THR A 517 28.60 2.20 23.85
CA THR A 517 28.60 1.58 22.54
C THR A 517 28.09 0.15 22.66
N GLU A 518 27.06 -0.19 21.88
CA GLU A 518 26.54 -1.54 21.82
C GLU A 518 26.55 -2.01 20.37
N ILE A 519 26.81 -3.29 20.17
CA ILE A 519 26.91 -3.87 18.85
C ILE A 519 25.82 -4.92 18.67
N LEU A 520 25.07 -4.81 17.58
CA LEU A 520 24.07 -5.79 17.20
C LEU A 520 24.61 -6.61 16.04
N GLY A 521 24.44 -7.92 16.11
CA GLY A 521 24.90 -8.81 15.07
C GLY A 521 24.30 -10.18 15.32
N TYR A 522 24.04 -10.93 14.25
CA TYR A 522 23.27 -12.17 14.37
C TYR A 522 23.95 -13.34 13.68
N ASP A 523 25.25 -13.24 13.42
CA ASP A 523 26.03 -14.34 12.87
C ASP A 523 27.03 -14.90 13.86
N LEU A 524 27.61 -14.05 14.71
CA LEU A 524 28.57 -14.47 15.73
C LEU A 524 27.93 -14.42 17.12
#